data_2J3S
#
_entry.id   2J3S
#
_cell.length_a   72.280
_cell.length_b   78.390
_cell.length_c   229.040
_cell.angle_alpha   90.00
_cell.angle_beta   90.00
_cell.angle_gamma   90.00
#
_symmetry.space_group_name_H-M   'C 2 2 21'
#
loop_
_entity.id
_entity.type
_entity.pdbx_description
1 polymer FILAMIN-A
2 non-polymer 'BROMIDE ION'
3 non-polymer '1,4-DIETHYLENE DIOXIDE'
4 non-polymer GLYCEROL
5 water water
#
_entity_poly.entity_id   1
_entity_poly.type   'polypeptide(L)'
_entity_poly.pdbx_seq_one_letter_code
;GAMGDASRVRVSGQGLHEGHTFEPAEFIIDTRDAGYGGLSLSIEGPSKVDINTEDLEDGTCRVTYCPTEPGNYIINIKFA
DQHVPGSPFSVKVTGEGRVKESITRRRRAPSVANVGSHCDLSLKIPEISIQDMTAQVTSPSGKTHEAEIVEGENHTYCIR
FVPAEMGTHTVSVKYKGQHVPGSPFQFTVGPLGEGGAHKVRAGGPGLERAEAGVPAEFSIWTREAGAGGLAIAVEGPSKA
EISFEDRKDGSCGVAYVVQEPGDYEVSVKFNEEHIPDSPFVVPVASPS
;
_entity_poly.pdbx_strand_id   A,B
#
# COMPACT_ATOMS: atom_id res chain seq x y z
N MET A 3 29.00 -21.96 -21.87
CA MET A 3 30.32 -21.27 -21.75
C MET A 3 30.17 -19.77 -21.40
N GLY A 4 29.06 -19.46 -20.75
CA GLY A 4 28.85 -18.20 -20.08
C GLY A 4 28.28 -18.46 -18.70
N ASP A 5 28.32 -17.44 -17.83
CA ASP A 5 27.83 -17.57 -16.47
C ASP A 5 27.05 -16.33 -16.04
N ALA A 6 25.73 -16.43 -16.07
CA ALA A 6 24.87 -15.29 -15.77
C ALA A 6 25.07 -14.73 -14.36
N SER A 7 25.46 -15.59 -13.42
CA SER A 7 25.58 -15.20 -12.01
C SER A 7 26.76 -14.28 -11.75
N ARG A 8 27.69 -14.24 -12.69
CA ARG A 8 28.85 -13.36 -12.58
C ARG A 8 28.52 -11.95 -13.05
N VAL A 9 27.36 -11.77 -13.69
CA VAL A 9 26.96 -10.44 -14.14
C VAL A 9 26.65 -9.57 -12.93
N ARG A 10 27.21 -8.36 -12.90
CA ARG A 10 26.90 -7.41 -11.83
C ARG A 10 26.20 -6.17 -12.37
N VAL A 11 25.19 -5.72 -11.63
CA VAL A 11 24.38 -4.57 -11.99
C VAL A 11 24.30 -3.62 -10.81
N SER A 12 24.65 -2.36 -11.02
CA SER A 12 24.57 -1.36 -9.94
C SER A 12 24.22 0.02 -10.47
N GLY A 13 23.71 0.88 -9.59
CA GLY A 13 23.32 2.22 -9.95
C GLY A 13 21.92 2.58 -9.44
N GLN A 14 21.70 3.89 -9.23
CA GLN A 14 20.46 4.39 -8.64
C GLN A 14 19.22 3.98 -9.42
N GLY A 15 19.34 3.95 -10.75
CA GLY A 15 18.22 3.64 -11.63
C GLY A 15 17.74 2.22 -11.54
N LEU A 16 18.37 1.46 -10.66
CA LEU A 16 17.95 0.09 -10.42
C LEU A 16 16.84 0.01 -9.39
N HIS A 17 16.60 1.10 -8.67
CA HIS A 17 15.60 1.07 -7.61
C HIS A 17 14.71 2.32 -7.52
N GLU A 18 15.02 3.31 -8.32
CA GLU A 18 14.52 4.64 -8.08
C GLU A 18 14.66 5.47 -9.36
N GLY A 19 13.59 6.16 -9.73
CA GLY A 19 13.62 7.08 -10.84
C GLY A 19 12.65 8.22 -10.62
N HIS A 20 12.72 9.20 -11.51
CA HIS A 20 11.74 10.28 -11.55
C HIS A 20 11.35 10.62 -12.99
N THR A 21 10.06 10.94 -13.12
CA THR A 21 9.41 11.30 -14.38
C THR A 21 10.17 12.36 -15.22
N PHE A 22 10.48 12.00 -16.47
CA PHE A 22 11.20 12.90 -17.40
C PHE A 22 12.61 13.24 -16.94
N GLU A 23 13.15 12.37 -16.09
CA GLU A 23 14.53 12.48 -15.63
C GLU A 23 15.20 11.15 -15.96
N PRO A 24 16.44 11.22 -16.45
CA PRO A 24 17.14 10.00 -16.84
C PRO A 24 17.57 9.22 -15.60
N ALA A 25 17.26 7.91 -15.59
CA ALA A 25 17.77 7.02 -14.54
C ALA A 25 18.81 6.08 -15.16
N GLU A 26 19.85 5.78 -14.38
CA GLU A 26 20.98 5.07 -14.96
C GLU A 26 21.59 3.97 -14.11
N PHE A 27 22.02 2.92 -14.80
CA PHE A 27 22.72 1.82 -14.16
C PHE A 27 23.80 1.24 -15.08
N ILE A 28 24.75 0.56 -14.44
CA ILE A 28 25.90 -0.04 -15.11
C ILE A 28 25.68 -1.55 -15.14
N ILE A 29 25.84 -2.13 -16.33
CA ILE A 29 25.88 -3.59 -16.42
C ILE A 29 27.32 -4.06 -16.63
N ASP A 30 27.81 -4.87 -15.68
CA ASP A 30 29.16 -5.39 -15.69
C ASP A 30 29.14 -6.88 -16.02
N THR A 31 29.62 -7.18 -17.22
CA THR A 31 29.50 -8.48 -17.83
C THR A 31 30.87 -9.15 -17.94
N ARG A 32 31.90 -8.47 -17.44
CA ARG A 32 33.29 -8.88 -17.67
C ARG A 32 33.66 -10.29 -17.20
N ASP A 33 33.05 -10.74 -16.10
CA ASP A 33 33.34 -12.06 -15.50
C ASP A 33 32.37 -13.16 -15.94
N ALA A 34 31.43 -12.78 -16.81
CA ALA A 34 30.35 -13.68 -17.22
C ALA A 34 30.70 -14.56 -18.42
N GLY A 35 31.85 -14.29 -19.04
CA GLY A 35 32.27 -15.02 -20.24
C GLY A 35 31.36 -14.75 -21.43
N TYR A 36 31.05 -15.78 -22.20
CA TYR A 36 30.32 -15.63 -23.46
C TYR A 36 28.81 -15.67 -23.28
N GLY A 37 28.12 -14.73 -23.91
CA GLY A 37 26.66 -14.69 -23.85
C GLY A 37 26.07 -13.32 -24.15
N GLY A 38 24.82 -13.31 -24.58
CA GLY A 38 24.15 -12.09 -25.00
C GLY A 38 23.38 -11.44 -23.87
N LEU A 39 23.18 -10.13 -23.98
CA LEU A 39 22.47 -9.38 -22.96
C LEU A 39 21.07 -9.12 -23.49
N SER A 40 20.06 -9.46 -22.72
CA SER A 40 18.72 -9.03 -23.08
C SER A 40 18.16 -8.22 -21.93
N LEU A 41 17.44 -7.17 -22.28
CA LEU A 41 16.98 -6.20 -21.30
C LEU A 41 15.60 -5.63 -21.63
N SER A 42 14.68 -5.69 -20.66
CA SER A 42 13.40 -4.98 -20.79
C SER A 42 12.95 -4.27 -19.52
N ILE A 43 12.21 -3.18 -19.69
CA ILE A 43 11.73 -2.38 -18.58
C ILE A 43 10.23 -2.30 -18.76
N GLU A 44 9.52 -2.93 -17.84
CA GLU A 44 8.08 -3.04 -17.87
C GLU A 44 7.50 -2.18 -16.77
N GLY A 45 6.41 -1.49 -17.09
CA GLY A 45 5.71 -0.63 -16.14
C GLY A 45 4.48 -0.03 -16.78
N PRO A 46 4.00 1.10 -16.24
CA PRO A 46 2.82 1.83 -16.76
C PRO A 46 2.96 2.24 -18.23
N SER A 47 4.16 2.62 -18.64
CA SER A 47 4.39 2.82 -20.06
C SER A 47 5.78 2.37 -20.46
N LYS A 48 5.96 2.25 -21.77
CA LYS A 48 7.24 1.94 -22.40
C LYS A 48 8.23 3.07 -22.22
N VAL A 49 9.47 2.69 -22.05
CA VAL A 49 10.48 3.58 -21.56
C VAL A 49 11.62 3.62 -22.58
N ASP A 50 12.00 4.83 -22.99
CA ASP A 50 13.15 4.97 -23.89
C ASP A 50 14.44 4.56 -23.19
N ILE A 51 15.28 3.77 -23.87
CA ILE A 51 16.52 3.28 -23.27
C ILE A 51 17.74 3.56 -24.13
N ASN A 52 18.80 3.96 -23.45
CA ASN A 52 20.10 4.17 -24.09
C ASN A 52 21.13 3.34 -23.37
N THR A 53 22.13 2.90 -24.13
CA THR A 53 23.28 2.16 -23.59
C THR A 53 24.56 2.74 -24.16
N GLU A 54 25.63 2.69 -23.35
CA GLU A 54 26.96 3.16 -23.74
C GLU A 54 28.05 2.20 -23.24
N ASP A 55 28.76 1.60 -24.19
CA ASP A 55 29.94 0.77 -23.90
C ASP A 55 31.07 1.63 -23.32
N LEU A 56 31.27 1.52 -22.01
CA LEU A 56 32.33 2.27 -21.33
C LEU A 56 33.72 1.69 -21.57
N GLU A 57 34.74 2.51 -21.29
CA GLU A 57 36.14 2.16 -21.51
C GLU A 57 36.57 0.87 -20.83
N ASP A 58 36.06 0.66 -19.62
CA ASP A 58 36.43 -0.46 -18.76
C ASP A 58 35.64 -1.74 -19.07
N GLY A 59 35.03 -1.82 -20.25
CA GLY A 59 34.28 -2.99 -20.67
C GLY A 59 32.92 -3.06 -20.01
N THR A 60 32.49 -1.94 -19.45
CA THR A 60 31.19 -1.84 -18.80
C THR A 60 30.20 -1.23 -19.78
N CYS A 61 28.92 -1.34 -19.46
CA CYS A 61 27.88 -0.75 -20.28
C CYS A 61 26.94 0.09 -19.43
N ARG A 62 26.90 1.40 -19.69
CA ARG A 62 25.97 2.26 -18.98
C ARG A 62 24.58 2.26 -19.63
N VAL A 63 23.57 1.96 -18.82
CA VAL A 63 22.19 2.00 -19.30
C VAL A 63 21.48 3.22 -18.75
N THR A 64 20.83 3.97 -19.64
CA THR A 64 20.07 5.16 -19.29
C THR A 64 18.64 5.01 -19.78
N TYR A 65 17.67 5.17 -18.88
CA TYR A 65 16.28 5.14 -19.29
C TYR A 65 15.49 6.35 -18.76
N CYS A 66 14.44 6.70 -19.49
CA CYS A 66 13.63 7.89 -19.22
C CYS A 66 12.14 7.50 -19.03
N PRO A 67 11.69 7.40 -17.78
CA PRO A 67 10.29 7.05 -17.62
C PRO A 67 9.42 8.30 -17.75
N THR A 68 8.28 8.16 -18.41
CA THR A 68 7.37 9.28 -18.62
C THR A 68 6.14 9.28 -17.71
N GLU A 69 5.98 8.26 -16.87
CA GLU A 69 4.81 8.04 -16.03
C GLU A 69 5.25 7.46 -14.71
N PRO A 70 4.71 7.96 -13.60
CA PRO A 70 5.17 7.47 -12.30
C PRO A 70 4.66 6.07 -12.05
N GLY A 71 5.19 5.46 -10.99
CA GLY A 71 4.74 4.18 -10.50
C GLY A 71 5.83 3.12 -10.44
N ASN A 72 5.37 1.87 -10.38
CA ASN A 72 6.21 0.70 -10.16
C ASN A 72 6.63 0.04 -11.44
N TYR A 73 7.94 -0.02 -11.66
CA TYR A 73 8.53 -0.63 -12.84
C TYR A 73 9.40 -1.79 -12.42
N ILE A 74 9.75 -2.63 -13.39
CA ILE A 74 10.73 -3.71 -13.20
C ILE A 74 11.70 -3.74 -14.36
N ILE A 75 12.96 -3.95 -14.03
CA ILE A 75 13.98 -4.08 -15.02
C ILE A 75 14.44 -5.53 -15.08
N ASN A 76 14.15 -6.14 -16.22
CA ASN A 76 14.61 -7.48 -16.55
C ASN A 76 15.97 -7.42 -17.17
N ILE A 77 16.91 -8.13 -16.54
CA ILE A 77 18.23 -8.28 -17.11
C ILE A 77 18.61 -9.75 -17.20
N LYS A 78 18.66 -10.24 -18.42
CA LYS A 78 19.05 -11.61 -18.68
C LYS A 78 20.39 -11.64 -19.40
N PHE A 79 21.17 -12.68 -19.12
CA PHE A 79 22.43 -12.95 -19.81
C PHE A 79 22.35 -14.39 -20.27
N ALA A 80 22.54 -14.60 -21.58
CA ALA A 80 22.30 -15.90 -22.20
C ALA A 80 20.92 -16.47 -21.81
N ASP A 81 19.90 -15.63 -21.98
CA ASP A 81 18.49 -15.94 -21.67
C ASP A 81 18.23 -16.42 -20.23
N GLN A 82 19.08 -15.97 -19.31
CA GLN A 82 18.94 -16.28 -17.89
C GLN A 82 19.01 -14.99 -17.09
N HIS A 83 18.00 -14.76 -16.26
CA HIS A 83 17.99 -13.59 -15.38
C HIS A 83 19.28 -13.58 -14.55
N VAL A 84 19.91 -12.43 -14.43
CA VAL A 84 21.09 -12.27 -13.58
C VAL A 84 20.66 -12.09 -12.13
N PRO A 85 21.59 -12.25 -11.16
CA PRO A 85 21.27 -11.99 -9.74
C PRO A 85 20.66 -10.62 -9.51
N GLY A 86 19.61 -10.58 -8.71
CA GLY A 86 18.87 -9.33 -8.46
C GLY A 86 17.76 -9.05 -9.47
N SER A 87 17.77 -9.76 -10.59
CA SER A 87 16.79 -9.50 -11.63
C SER A 87 15.55 -10.36 -11.43
N PRO A 88 14.35 -9.77 -11.57
CA PRO A 88 14.16 -8.36 -12.00
C PRO A 88 14.27 -7.34 -10.87
N PHE A 89 14.68 -6.14 -11.21
CA PHE A 89 14.85 -5.09 -10.20
C PHE A 89 13.58 -4.26 -10.15
N SER A 90 13.13 -3.99 -8.93
CA SER A 90 11.97 -3.15 -8.69
C SER A 90 12.36 -1.69 -8.71
N VAL A 91 11.75 -0.91 -9.59
CA VAL A 91 11.95 0.52 -9.57
C VAL A 91 10.65 1.25 -9.22
N LYS A 92 10.75 2.15 -8.24
CA LYS A 92 9.67 3.07 -7.91
C LYS A 92 9.98 4.42 -8.54
N VAL A 93 9.09 4.88 -9.44
CA VAL A 93 9.26 6.17 -10.10
C VAL A 93 8.22 7.18 -9.57
N THR A 94 8.64 8.19 -8.81
CA THR A 94 7.73 9.26 -8.38
C THR A 94 7.53 10.31 -9.49
N GLY A 95 6.42 11.06 -9.41
CA GLY A 95 6.12 12.16 -10.34
C GLY A 95 4.63 12.35 -10.49
N GLU A 96 4.22 13.30 -11.31
CA GLU A 96 2.82 13.57 -11.53
C GLU A 96 2.22 12.48 -12.38
N GLY A 97 1.10 11.89 -11.92
CA GLY A 97 0.27 11.05 -12.82
C GLY A 97 0.10 11.70 -14.18
N ARG A 98 -0.24 10.93 -15.21
CA ARG A 98 -0.38 11.57 -16.52
C ARG A 98 -1.68 12.34 -16.71
N VAL A 99 -2.73 11.91 -16.00
CA VAL A 99 -4.02 12.57 -16.02
C VAL A 99 -4.40 12.98 -14.61
N LYS A 100 -4.87 14.20 -14.46
CA LYS A 100 -5.37 14.68 -13.19
C LYS A 100 -6.75 15.22 -13.42
N GLU A 101 -7.69 14.61 -12.72
CA GLU A 101 -9.08 14.90 -12.91
C GLU A 101 -9.52 15.42 -11.56
N SER A 102 -10.05 16.66 -11.55
CA SER A 102 -10.50 17.26 -10.34
C SER A 102 -11.86 17.92 -10.52
N ILE A 103 -12.62 17.92 -9.43
CA ILE A 103 -13.76 18.73 -9.24
C ILE A 103 -13.55 19.56 -7.97
N THR A 104 -13.85 20.85 -8.03
CA THR A 104 -13.54 21.67 -6.90
C THR A 104 -14.68 22.60 -6.59
N ARG A 105 -15.24 22.41 -5.41
CA ARG A 105 -16.43 23.07 -4.96
C ARG A 105 -16.08 24.23 -4.00
N ARG A 106 -16.60 25.42 -4.31
CA ARG A 106 -16.25 26.67 -3.63
C ARG A 106 -17.58 27.40 -3.25
N ARG A 107 -17.60 28.00 -2.06
CA ARG A 107 -18.63 28.92 -1.68
C ARG A 107 -17.95 30.22 -1.30
N ARG A 108 -18.39 31.30 -1.93
CA ARG A 108 -17.91 32.61 -1.58
C ARG A 108 -19.02 33.49 -1.02
N ALA A 109 -18.66 34.32 -0.05
CA ALA A 109 -19.59 35.22 0.62
C ALA A 109 -18.74 36.35 1.12
N PRO A 110 -18.43 37.29 0.21
CA PRO A 110 -17.38 38.25 0.40
C PRO A 110 -17.79 39.44 1.26
N SER A 111 -19.02 39.48 1.75
CA SER A 111 -19.42 40.62 2.52
C SER A 111 -20.14 40.31 3.82
N VAL A 112 -19.97 41.26 4.75
CA VAL A 112 -20.75 41.31 5.96
C VAL A 112 -21.68 42.52 5.83
N ALA A 113 -22.88 42.37 6.36
CA ALA A 113 -23.92 43.38 6.23
C ALA A 113 -24.93 43.02 7.28
N ASN A 114 -25.20 43.96 8.17
CA ASN A 114 -26.07 43.70 9.32
C ASN A 114 -27.54 43.48 8.90
N VAL A 115 -27.71 42.43 8.10
CA VAL A 115 -29.00 42.05 7.52
C VAL A 115 -29.31 40.58 7.84
N GLY A 116 -30.39 40.37 8.59
CA GLY A 116 -30.82 39.03 8.99
C GLY A 116 -32.00 38.59 8.15
N SER A 117 -32.09 39.14 6.94
CA SER A 117 -33.16 38.79 6.00
C SER A 117 -32.97 37.39 5.38
N HIS A 118 -31.95 36.67 5.86
CA HIS A 118 -31.60 35.35 5.31
C HIS A 118 -31.49 34.27 6.39
N CYS A 119 -31.03 33.09 5.99
CA CYS A 119 -30.87 31.93 6.88
C CYS A 119 -29.69 31.07 6.45
N ASP A 120 -28.50 31.48 6.83
CA ASP A 120 -27.32 30.76 6.39
C ASP A 120 -27.01 29.54 7.24
N LEU A 121 -27.77 29.36 8.31
CA LEU A 121 -27.45 28.32 9.26
C LEU A 121 -28.71 27.54 9.62
N ILE A 130 -37.94 19.93 21.21
CA ILE A 130 -37.66 20.18 19.80
C ILE A 130 -37.48 21.69 19.59
N GLN A 131 -37.70 22.45 20.67
CA GLN A 131 -37.35 23.86 20.73
C GLN A 131 -36.70 24.24 22.07
N ASP A 132 -36.16 23.23 22.77
CA ASP A 132 -35.33 23.42 23.97
C ASP A 132 -33.86 23.49 23.54
N MET A 133 -33.61 24.14 22.42
CA MET A 133 -32.30 24.17 21.79
C MET A 133 -31.55 25.45 22.07
N THR A 134 -30.30 25.30 22.50
CA THR A 134 -29.43 26.43 22.70
C THR A 134 -28.51 26.51 21.51
N ALA A 135 -28.33 27.71 20.98
CA ALA A 135 -27.39 27.92 19.90
C ALA A 135 -26.44 29.04 20.27
N GLN A 136 -25.15 28.77 20.14
CA GLN A 136 -24.11 29.77 20.39
C GLN A 136 -23.17 29.93 19.21
N VAL A 137 -22.70 31.14 19.00
CA VAL A 137 -21.73 31.45 17.96
C VAL A 137 -20.48 32.11 18.54
N THR A 138 -19.31 31.70 18.05
CA THR A 138 -18.05 32.30 18.47
C THR A 138 -17.33 33.00 17.31
N SER A 139 -17.22 34.30 17.41
CA SER A 139 -16.58 35.05 16.36
C SER A 139 -15.07 34.76 16.31
N PRO A 140 -14.42 35.05 15.16
CA PRO A 140 -12.97 34.90 15.00
C PRO A 140 -12.19 35.55 16.14
N SER A 141 -12.59 36.75 16.56
CA SER A 141 -11.98 37.36 17.75
C SER A 141 -12.30 36.60 19.07
N GLY A 142 -12.91 35.42 18.99
CA GLY A 142 -13.17 34.64 20.21
C GLY A 142 -14.36 35.03 21.09
N LYS A 143 -15.07 36.09 20.73
CA LYS A 143 -16.30 36.47 21.45
C LYS A 143 -17.46 35.49 21.24
N THR A 144 -17.94 34.90 22.32
CA THR A 144 -19.00 33.92 22.21
C THR A 144 -20.29 34.58 22.63
N HIS A 145 -21.32 34.50 21.77
CA HIS A 145 -22.66 34.95 22.17
C HIS A 145 -23.86 34.14 21.68
N GLU A 146 -24.90 34.07 22.53
CA GLU A 146 -26.07 33.22 22.32
C GLU A 146 -26.92 33.65 21.12
N ALA A 147 -27.33 32.69 20.30
CA ALA A 147 -28.08 32.99 19.07
C ALA A 147 -29.54 32.47 19.08
N GLU A 148 -30.44 33.19 18.42
CA GLU A 148 -31.86 32.81 18.32
C GLU A 148 -32.02 31.64 17.36
N ILE A 149 -33.07 30.84 17.57
CA ILE A 149 -33.37 29.77 16.61
C ILE A 149 -34.76 29.92 16.02
N TYR A 157 -32.16 23.19 11.20
CA TYR A 157 -33.07 24.27 10.82
C TYR A 157 -32.34 25.61 10.69
N CYS A 158 -32.82 26.65 11.40
CA CYS A 158 -32.52 28.05 11.04
C CYS A 158 -32.03 28.99 12.18
N ILE A 159 -30.73 29.27 12.20
CA ILE A 159 -30.15 30.16 13.21
C ILE A 159 -30.04 31.60 12.71
N ARG A 160 -30.59 32.51 13.52
CA ARG A 160 -30.50 33.94 13.27
C ARG A 160 -29.36 34.55 14.06
N PHE A 161 -28.19 34.66 13.41
CA PHE A 161 -27.05 35.45 13.90
C PHE A 161 -26.44 36.30 12.79
N VAL A 162 -26.13 37.55 13.12
CA VAL A 162 -25.54 38.49 12.17
C VAL A 162 -24.08 38.65 12.44
N PRO A 163 -23.25 38.15 11.52
CA PRO A 163 -21.80 38.30 11.74
C PRO A 163 -21.44 39.77 11.62
N ALA A 164 -20.59 40.25 12.50
CA ALA A 164 -20.05 41.60 12.31
C ALA A 164 -18.59 41.52 11.88
N GLU A 165 -17.99 40.35 12.07
CA GLU A 165 -16.57 40.18 11.86
C GLU A 165 -16.34 39.27 10.69
N MET A 166 -15.25 39.52 9.98
CA MET A 166 -14.82 38.55 9.00
C MET A 166 -13.88 37.48 9.57
N GLY A 167 -14.06 36.27 9.09
CA GLY A 167 -13.16 35.18 9.40
C GLY A 167 -14.00 34.00 9.74
N THR A 168 -13.35 32.92 10.18
CA THR A 168 -14.03 31.70 10.56
C THR A 168 -14.73 31.82 11.91
N HIS A 169 -16.05 31.61 11.89
CA HIS A 169 -16.83 31.56 13.11
C HIS A 169 -17.01 30.09 13.47
N THR A 170 -17.35 29.81 14.72
CA THR A 170 -17.73 28.46 15.14
C THR A 170 -19.15 28.53 15.66
N VAL A 171 -19.97 27.56 15.32
CA VAL A 171 -21.37 27.60 15.63
C VAL A 171 -21.79 26.26 16.22
N SER A 172 -22.32 26.28 17.44
CA SER A 172 -22.76 25.06 18.10
C SER A 172 -24.25 25.12 18.39
N VAL A 173 -24.93 24.02 18.12
CA VAL A 173 -26.37 23.95 18.34
C VAL A 173 -26.63 22.74 19.23
N LYS A 174 -27.31 22.96 20.34
CA LYS A 174 -27.46 21.92 21.34
C LYS A 174 -28.91 21.73 21.72
N TYR A 175 -29.27 20.48 21.94
CA TYR A 175 -30.53 20.09 22.55
C TYR A 175 -30.24 19.34 23.85
N LYS A 176 -30.98 19.69 24.91
CA LYS A 176 -30.73 19.17 26.26
C LYS A 176 -29.29 19.43 26.73
N GLY A 177 -28.55 20.24 25.96
CA GLY A 177 -27.16 20.50 26.26
C GLY A 177 -26.19 19.57 25.54
N GLN A 178 -26.71 18.73 24.65
CA GLN A 178 -25.85 17.95 23.76
C GLN A 178 -25.96 18.42 22.33
N HIS A 179 -24.83 18.39 21.63
CA HIS A 179 -24.77 18.72 20.22
C HIS A 179 -25.73 17.92 19.38
N VAL A 180 -26.37 18.59 18.43
CA VAL A 180 -27.18 17.89 17.45
C VAL A 180 -26.29 17.40 16.29
N PRO A 181 -26.82 16.51 15.42
CA PRO A 181 -26.24 16.21 14.12
C PRO A 181 -25.62 17.42 13.46
N GLY A 182 -24.30 17.42 13.34
CA GLY A 182 -23.63 18.44 12.57
C GLY A 182 -23.01 19.52 13.41
N SER A 183 -23.26 19.47 14.72
CA SER A 183 -22.70 20.49 15.60
C SER A 183 -21.60 19.90 16.48
N PRO A 184 -20.50 20.65 16.69
CA PRO A 184 -20.24 22.03 16.26
C PRO A 184 -19.63 22.15 14.86
N PHE A 185 -19.87 23.29 14.20
CA PHE A 185 -19.36 23.52 12.86
C PHE A 185 -18.75 24.93 12.67
N GLN A 186 -18.35 25.25 11.44
CA GLN A 186 -17.74 26.53 11.19
C GLN A 186 -18.51 27.32 10.16
N PHE A 187 -18.28 28.62 10.17
CA PHE A 187 -18.97 29.55 9.30
C PHE A 187 -18.02 30.70 8.99
N THR A 188 -17.35 30.61 7.85
CA THR A 188 -16.35 31.61 7.46
C THR A 188 -17.01 32.68 6.58
N VAL A 189 -16.91 33.96 6.92
CA VAL A 189 -17.34 35.01 5.98
C VAL A 189 -16.14 35.78 5.48
N GLY A 190 -16.16 36.16 4.22
CA GLY A 190 -15.14 37.04 3.67
C GLY A 190 -14.09 36.32 2.84
N PRO A 191 -12.87 36.89 2.81
CA PRO A 191 -11.84 36.42 1.89
C PRO A 191 -11.21 35.17 2.48
N LEU A 192 -11.10 34.12 1.66
CA LEU A 192 -10.90 32.76 2.17
C LEU A 192 -9.51 32.51 2.76
N GLY A 193 -8.49 32.76 1.93
CA GLY A 193 -7.12 32.53 2.35
C GLY A 193 -6.94 31.04 2.58
N GLU A 194 -6.83 30.63 3.84
CA GLU A 194 -6.76 29.19 4.12
C GLU A 194 -7.30 28.66 5.41
N GLY A 195 -6.90 27.43 5.68
CA GLY A 195 -7.07 26.84 6.98
C GLY A 195 -8.37 26.08 7.20
N GLY A 196 -8.25 25.01 7.97
CA GLY A 196 -9.40 24.26 8.38
C GLY A 196 -9.29 22.83 7.92
N ALA A 197 -8.28 22.55 7.08
CA ALA A 197 -8.13 21.22 6.46
C ALA A 197 -8.05 20.09 7.49
N HIS A 198 -7.42 20.37 8.62
CA HIS A 198 -7.19 19.38 9.66
C HIS A 198 -8.51 18.87 10.29
N LYS A 199 -9.55 19.69 10.26
CA LYS A 199 -10.81 19.32 10.89
C LYS A 199 -11.78 18.66 9.89
N VAL A 200 -11.32 18.47 8.67
CA VAL A 200 -12.15 17.91 7.62
C VAL A 200 -12.09 16.39 7.65
N ARG A 201 -13.23 15.76 7.48
CA ARG A 201 -13.27 14.31 7.59
C ARG A 201 -13.68 13.65 6.27
N ALA A 202 -13.25 12.40 6.08
CA ALA A 202 -13.52 11.66 4.85
C ALA A 202 -13.51 10.14 5.11
N GLY A 203 -14.31 9.40 4.32
CA GLY A 203 -14.48 7.98 4.49
C GLY A 203 -15.31 7.39 3.38
N GLY A 204 -15.02 6.14 3.01
CA GLY A 204 -15.64 5.45 1.85
C GLY A 204 -14.63 4.59 1.12
N PRO A 205 -15.09 3.52 0.47
CA PRO A 205 -14.19 2.53 -0.12
C PRO A 205 -13.38 3.13 -1.23
N GLY A 206 -13.86 4.20 -1.86
CA GLY A 206 -13.16 4.87 -2.93
C GLY A 206 -11.87 5.53 -2.47
N LEU A 207 -11.63 5.50 -1.18
CA LEU A 207 -10.38 6.06 -0.64
C LEU A 207 -9.27 5.02 -0.34
N GLU A 208 -9.55 3.74 -0.52
CA GLU A 208 -8.49 2.73 -0.39
C GLU A 208 -8.33 1.80 -1.60
N ARG A 209 -9.39 1.64 -2.41
CA ARG A 209 -9.29 0.85 -3.64
C ARG A 209 -10.46 1.12 -4.58
N ALA A 210 -10.30 0.70 -5.83
CA ALA A 210 -11.32 0.86 -6.86
C ALA A 210 -11.18 -0.21 -7.94
N GLU A 211 -12.21 -0.37 -8.77
CA GLU A 211 -12.18 -1.28 -9.89
C GLU A 211 -12.34 -0.45 -11.15
N ALA A 212 -11.55 -0.74 -12.17
CA ALA A 212 -11.68 -0.01 -13.40
C ALA A 212 -13.12 -0.10 -13.86
N GLY A 213 -13.69 1.05 -14.21
CA GLY A 213 -15.02 1.09 -14.77
C GLY A 213 -16.18 0.92 -13.79
N VAL A 214 -15.86 0.75 -12.51
CA VAL A 214 -16.85 0.66 -11.46
C VAL A 214 -16.75 1.86 -10.53
N PRO A 215 -17.87 2.57 -10.32
CA PRO A 215 -17.94 3.74 -9.42
C PRO A 215 -17.36 3.45 -8.04
N ALA A 216 -16.59 4.38 -7.48
CA ALA A 216 -16.03 4.23 -6.12
C ALA A 216 -16.37 5.46 -5.33
N GLU A 217 -17.02 5.28 -4.19
CA GLU A 217 -17.64 6.39 -3.51
C GLU A 217 -16.84 6.79 -2.28
N PHE A 218 -17.05 8.00 -1.81
CA PHE A 218 -16.61 8.37 -0.49
C PHE A 218 -17.35 9.65 -0.11
N SER A 219 -17.27 10.03 1.16
CA SER A 219 -17.94 11.21 1.65
C SER A 219 -16.94 12.14 2.33
N ILE A 220 -17.26 13.42 2.31
CA ILE A 220 -16.45 14.40 2.93
C ILE A 220 -17.31 15.24 3.81
N TRP A 221 -16.81 15.55 5.01
CA TRP A 221 -17.48 16.45 5.93
C TRP A 221 -16.48 17.55 6.24
N THR A 222 -16.78 18.75 5.76
CA THR A 222 -15.84 19.85 5.91
C THR A 222 -16.24 20.68 7.13
N ARG A 223 -17.51 20.54 7.52
CA ARG A 223 -18.09 21.31 8.60
C ARG A 223 -17.95 22.80 8.38
N GLU A 224 -17.99 23.22 7.13
CA GLU A 224 -17.93 24.61 6.80
C GLU A 224 -19.28 25.03 6.22
N ALA A 225 -19.99 25.89 6.93
CA ALA A 225 -21.30 26.34 6.48
C ALA A 225 -21.20 27.59 5.63
N GLY A 226 -20.05 28.27 5.68
CA GLY A 226 -19.86 29.51 4.94
C GLY A 226 -18.84 29.35 3.82
N ALA A 227 -18.02 30.36 3.62
CA ALA A 227 -17.05 30.35 2.53
C ALA A 227 -16.00 29.28 2.71
N GLY A 228 -15.64 28.59 1.62
CA GLY A 228 -14.58 27.59 1.67
C GLY A 228 -14.33 26.98 0.32
N GLY A 229 -13.24 26.25 0.15
CA GLY A 229 -12.97 25.62 -1.14
C GLY A 229 -12.50 24.20 -0.89
N LEU A 230 -13.11 23.26 -1.62
CA LEU A 230 -12.86 21.84 -1.45
C LEU A 230 -12.55 21.20 -2.80
N ALA A 231 -11.32 20.69 -2.95
CA ALA A 231 -10.84 20.19 -4.22
C ALA A 231 -10.58 18.73 -4.07
N ILE A 232 -11.29 17.93 -4.88
CA ILE A 232 -11.11 16.51 -4.95
C ILE A 232 -10.45 16.19 -6.27
N ALA A 233 -9.33 15.46 -6.25
CA ALA A 233 -8.61 15.09 -7.47
C ALA A 233 -8.23 13.62 -7.53
N VAL A 234 -8.31 13.04 -8.72
CA VAL A 234 -7.87 11.69 -9.00
C VAL A 234 -6.77 11.83 -10.04
N GLU A 235 -5.58 11.34 -9.70
CA GLU A 235 -4.37 11.45 -10.49
C GLU A 235 -3.86 10.04 -10.74
N GLY A 236 -3.54 9.71 -11.98
CA GLY A 236 -3.14 8.37 -12.30
C GLY A 236 -3.15 8.18 -13.78
N PRO A 237 -2.93 6.95 -14.25
CA PRO A 237 -2.65 6.63 -15.62
C PRO A 237 -3.74 6.88 -16.63
N SER A 238 -4.99 7.13 -16.20
CA SER A 238 -6.05 7.37 -17.21
C SER A 238 -7.12 8.37 -16.80
N LYS A 239 -8.04 8.70 -17.70
CA LYS A 239 -9.16 9.59 -17.41
C LYS A 239 -10.10 9.02 -16.31
N ALA A 240 -10.77 9.94 -15.61
CA ALA A 240 -11.81 9.62 -14.65
C ALA A 240 -13.10 10.33 -14.99
N GLU A 241 -14.20 9.66 -14.70
CA GLU A 241 -15.51 10.28 -14.69
C GLU A 241 -15.78 10.48 -13.23
N ILE A 242 -16.24 11.67 -12.87
CA ILE A 242 -16.55 11.87 -11.49
C ILE A 242 -17.87 12.61 -11.27
N SER A 243 -18.48 12.32 -10.12
CA SER A 243 -19.65 13.04 -9.73
C SER A 243 -19.52 13.46 -8.27
N PHE A 244 -20.28 14.49 -7.94
CA PHE A 244 -20.18 15.18 -6.70
C PHE A 244 -21.57 15.61 -6.35
N GLU A 245 -22.00 15.25 -5.12
CA GLU A 245 -23.21 15.84 -4.59
C GLU A 245 -23.06 16.42 -3.18
N ASP A 246 -23.44 17.71 -3.06
CA ASP A 246 -23.76 18.34 -1.78
C ASP A 246 -24.99 17.68 -1.27
N ARG A 247 -24.95 17.28 -0.01
CA ARG A 247 -26.07 16.62 0.65
C ARG A 247 -26.69 17.51 1.71
N LYS A 248 -27.97 17.24 1.98
CA LYS A 248 -28.78 17.97 2.96
C LYS A 248 -28.01 18.22 4.26
N ASP A 249 -27.31 17.19 4.76
CA ASP A 249 -26.70 17.23 6.07
C ASP A 249 -25.41 18.05 6.10
N GLY A 250 -25.00 18.57 4.95
CA GLY A 250 -23.78 19.36 4.87
C GLY A 250 -22.57 18.52 4.50
N SER A 251 -22.75 17.21 4.32
CA SER A 251 -21.65 16.38 3.81
C SER A 251 -21.51 16.50 2.26
N CYS A 252 -20.48 15.87 1.71
CA CYS A 252 -20.25 15.82 0.27
C CYS A 252 -20.07 14.37 -0.11
N GLY A 253 -20.75 13.97 -1.18
CA GLY A 253 -20.60 12.64 -1.73
C GLY A 253 -19.70 12.83 -2.92
N VAL A 254 -18.70 11.99 -3.05
CA VAL A 254 -17.95 11.93 -4.29
C VAL A 254 -17.96 10.51 -4.86
N ALA A 255 -18.07 10.39 -6.18
CA ALA A 255 -17.91 9.09 -6.83
C ALA A 255 -16.97 9.26 -8.00
N TYR A 256 -16.09 8.28 -8.20
CA TYR A 256 -15.32 8.31 -9.43
C TYR A 256 -15.28 6.96 -10.13
N VAL A 257 -15.25 7.00 -11.45
CA VAL A 257 -15.03 5.84 -12.29
C VAL A 257 -13.80 6.13 -13.11
N VAL A 258 -12.84 5.23 -13.02
CA VAL A 258 -11.58 5.34 -13.68
C VAL A 258 -11.53 4.30 -14.77
N GLN A 259 -10.81 4.63 -15.82
CA GLN A 259 -10.90 3.87 -17.04
C GLN A 259 -9.98 2.66 -17.04
N GLU A 260 -8.79 2.78 -16.47
CA GLU A 260 -7.77 1.70 -16.55
C GLU A 260 -7.32 1.23 -15.18
N PRO A 261 -6.84 -0.02 -15.06
CA PRO A 261 -6.24 -0.48 -13.81
C PRO A 261 -4.97 0.29 -13.54
N GLY A 262 -4.54 0.35 -12.29
CA GLY A 262 -3.28 1.03 -11.98
C GLY A 262 -3.18 1.64 -10.60
N ASP A 263 -2.12 2.38 -10.36
CA ASP A 263 -1.95 3.08 -9.10
C ASP A 263 -2.41 4.52 -9.29
N TYR A 264 -3.41 4.93 -8.51
CA TYR A 264 -3.96 6.28 -8.59
C TYR A 264 -3.77 7.03 -7.27
N GLU A 265 -3.99 8.33 -7.29
CA GLU A 265 -4.02 9.08 -6.04
C GLU A 265 -5.27 9.90 -6.01
N VAL A 266 -6.00 9.76 -4.90
CA VAL A 266 -7.16 10.57 -4.62
C VAL A 266 -6.75 11.54 -3.52
N SER A 267 -6.86 12.81 -3.85
CA SER A 267 -6.53 13.85 -2.93
C SER A 267 -7.75 14.71 -2.63
N VAL A 268 -7.90 15.08 -1.36
CA VAL A 268 -8.93 15.99 -0.90
C VAL A 268 -8.20 17.15 -0.26
N LYS A 269 -8.35 18.35 -0.83
CA LYS A 269 -7.71 19.52 -0.27
C LYS A 269 -8.77 20.50 0.15
N PHE A 270 -8.59 21.06 1.33
CA PHE A 270 -9.52 22.02 1.83
C PHE A 270 -8.78 23.32 1.99
N ASN A 271 -9.32 24.34 1.34
CA ASN A 271 -8.65 25.60 1.20
C ASN A 271 -7.17 25.37 0.93
N GLU A 272 -6.89 24.55 -0.08
CA GLU A 272 -5.53 24.43 -0.59
C GLU A 272 -4.61 23.54 0.23
N GLU A 273 -5.09 23.00 1.36
CA GLU A 273 -4.28 22.08 2.16
C GLU A 273 -4.88 20.69 2.14
N HIS A 274 -4.03 19.65 2.07
CA HIS A 274 -4.44 18.26 2.34
C HIS A 274 -5.14 18.09 3.67
N ILE A 275 -6.31 17.47 3.62
CA ILE A 275 -6.97 16.93 4.79
C ILE A 275 -6.10 15.78 5.31
N PRO A 276 -6.36 15.30 6.54
CA PRO A 276 -5.38 14.47 7.24
C PRO A 276 -4.79 13.22 6.56
N ASP A 277 -5.49 12.57 5.64
CA ASP A 277 -4.83 11.38 5.02
C ASP A 277 -4.58 11.53 3.54
N SER A 278 -4.80 12.76 3.06
CA SER A 278 -4.64 13.03 1.65
C SER A 278 -3.17 13.26 1.32
N PRO A 279 -2.74 12.78 0.17
CA PRO A 279 -3.50 12.02 -0.81
C PRO A 279 -3.56 10.55 -0.46
N PHE A 280 -4.61 9.89 -0.90
CA PHE A 280 -4.77 8.51 -0.53
C PHE A 280 -4.35 7.71 -1.76
N VAL A 281 -3.47 6.76 -1.52
CA VAL A 281 -3.00 5.83 -2.51
C VAL A 281 -4.14 4.85 -2.80
N VAL A 282 -4.56 4.75 -4.05
CA VAL A 282 -5.72 3.90 -4.38
C VAL A 282 -5.38 2.96 -5.51
N PRO A 283 -5.08 1.69 -5.19
CA PRO A 283 -4.85 0.72 -6.26
C PRO A 283 -6.14 0.49 -6.99
N VAL A 284 -6.09 0.45 -8.31
CA VAL A 284 -7.30 0.16 -9.05
C VAL A 284 -7.03 -1.14 -9.74
N ALA A 285 -7.94 -2.08 -9.56
CA ALA A 285 -7.88 -3.41 -10.20
C ALA A 285 -8.70 -3.44 -11.48
N SER A 286 -8.50 -4.46 -12.30
CA SER A 286 -9.32 -4.62 -13.51
C SER A 286 -10.67 -5.21 -13.17
N PRO A 287 -11.66 -5.08 -14.07
CA PRO A 287 -12.86 -5.91 -13.90
C PRO A 287 -12.48 -7.37 -14.11
N SER A 288 -12.72 -8.23 -13.24
N MET B 3 -30.96 12.15 11.56
CA MET B 3 -30.77 12.57 12.98
C MET B 3 -29.61 11.83 13.67
N GLY B 4 -28.70 11.32 12.87
CA GLY B 4 -27.39 10.86 13.34
C GLY B 4 -26.31 11.51 12.49
N ASP B 5 -25.06 11.40 12.92
CA ASP B 5 -23.95 12.03 12.21
C ASP B 5 -22.73 11.12 12.19
N ALA B 6 -22.55 10.44 11.09
CA ALA B 6 -21.47 9.46 10.97
C ALA B 6 -20.09 10.07 11.21
N SER B 7 -19.93 11.36 10.97
CA SER B 7 -18.59 11.95 10.99
C SER B 7 -18.12 12.18 12.41
N ARG B 8 -19.05 12.17 13.32
CA ARG B 8 -18.76 12.31 14.73
C ARG B 8 -18.28 10.99 15.35
N VAL B 9 -18.38 9.90 14.61
CA VAL B 9 -17.87 8.63 15.11
C VAL B 9 -16.31 8.60 15.18
N ARG B 10 -15.77 8.18 16.31
CA ARG B 10 -14.32 8.08 16.41
C ARG B 10 -13.86 6.68 16.65
N VAL B 11 -12.80 6.28 15.95
CA VAL B 11 -12.30 4.94 16.04
C VAL B 11 -10.81 4.98 16.33
N SER B 12 -10.36 4.27 17.36
CA SER B 12 -8.94 4.26 17.65
C SER B 12 -8.48 2.93 18.20
N GLY B 13 -7.17 2.68 18.12
CA GLY B 13 -6.58 1.49 18.68
C GLY B 13 -5.70 0.75 17.70
N GLN B 14 -4.77 -0.03 18.25
CA GLN B 14 -3.73 -0.70 17.45
C GLN B 14 -4.30 -1.58 16.34
N GLY B 15 -5.40 -2.26 16.64
CA GLY B 15 -6.01 -3.22 15.72
C GLY B 15 -6.64 -2.54 14.52
N LEU B 16 -6.58 -1.23 14.49
CA LEU B 16 -7.01 -0.52 13.30
C LEU B 16 -6.00 -0.58 12.18
N HIS B 17 -4.75 -0.90 12.50
CA HIS B 17 -3.69 -0.80 11.48
C HIS B 17 -2.73 -2.00 11.44
N GLU B 18 -2.90 -2.92 12.39
CA GLU B 18 -1.81 -3.83 12.70
C GLU B 18 -2.41 -4.98 13.46
N GLY B 19 -2.08 -6.19 13.04
CA GLY B 19 -2.52 -7.42 13.71
C GLY B 19 -1.44 -8.49 13.64
N HIS B 20 -1.63 -9.56 14.41
CA HIS B 20 -0.80 -10.75 14.29
C HIS B 20 -1.68 -11.98 14.42
N THR B 21 -1.35 -12.96 13.60
CA THR B 21 -2.02 -14.25 13.51
C THR B 21 -2.21 -14.94 14.87
N PHE B 22 -3.46 -15.27 15.17
CA PHE B 22 -3.81 -15.98 16.42
C PHE B 22 -3.52 -15.15 17.67
N GLU B 23 -3.57 -13.84 17.48
CA GLU B 23 -3.44 -12.84 18.52
C GLU B 23 -4.58 -11.88 18.35
N PRO B 24 -5.24 -11.50 19.46
CA PRO B 24 -6.40 -10.61 19.39
C PRO B 24 -5.97 -9.20 19.09
N ALA B 25 -6.64 -8.58 18.14
CA ALA B 25 -6.37 -7.17 17.83
C ALA B 25 -7.61 -6.39 18.22
N GLU B 26 -7.40 -5.18 18.74
CA GLU B 26 -8.51 -4.49 19.35
C GLU B 26 -8.58 -3.02 18.99
N PHE B 27 -9.81 -2.53 18.85
CA PHE B 27 -10.07 -1.12 18.72
C PHE B 27 -11.33 -0.68 19.46
N ILE B 28 -11.46 0.62 19.61
CA ILE B 28 -12.54 1.24 20.35
C ILE B 28 -13.36 2.01 19.37
N ILE B 29 -14.67 1.75 19.35
CA ILE B 29 -15.60 2.60 18.60
C ILE B 29 -16.35 3.53 19.52
N ASP B 30 -16.20 4.82 19.23
CA ASP B 30 -16.81 5.88 20.06
C ASP B 30 -17.88 6.56 19.21
N THR B 31 -19.11 6.35 19.67
CA THR B 31 -20.31 6.72 18.95
C THR B 31 -21.06 7.82 19.70
N ARG B 32 -20.51 8.26 20.82
CA ARG B 32 -21.21 9.14 21.74
C ARG B 32 -21.69 10.47 21.15
N ASP B 33 -20.92 11.06 20.23
CA ASP B 33 -21.28 12.33 19.57
C ASP B 33 -22.03 12.18 18.23
N ALA B 34 -22.30 10.93 17.82
CA ALA B 34 -22.91 10.62 16.51
C ALA B 34 -24.46 10.61 16.50
N GLY B 35 -25.05 10.77 17.68
CA GLY B 35 -26.50 10.79 17.84
C GLY B 35 -27.08 9.44 17.49
N TYR B 36 -28.20 9.45 16.79
CA TYR B 36 -28.94 8.24 16.51
C TYR B 36 -28.47 7.53 15.26
N GLY B 37 -28.29 6.21 15.37
CA GLY B 37 -27.94 5.37 14.23
C GLY B 37 -27.29 4.06 14.60
N GLY B 38 -27.32 3.12 13.67
CA GLY B 38 -26.83 1.77 13.94
C GLY B 38 -25.41 1.59 13.47
N LEU B 39 -24.72 0.65 14.07
CA LEU B 39 -23.32 0.37 13.70
C LEU B 39 -23.32 -0.82 12.74
N SER B 40 -22.60 -0.70 11.63
CA SER B 40 -22.33 -1.90 10.88
C SER B 40 -20.85 -2.05 10.66
N LEU B 41 -20.40 -3.30 10.72
CA LEU B 41 -18.98 -3.56 10.75
C LEU B 41 -18.64 -4.85 10.04
N SER B 42 -17.62 -4.79 9.18
CA SER B 42 -17.07 -6.00 8.60
C SER B 42 -15.55 -5.91 8.43
N ILE B 43 -14.91 -7.06 8.46
CA ILE B 43 -13.47 -7.20 8.33
C ILE B 43 -13.24 -8.20 7.20
N GLU B 44 -12.74 -7.69 6.09
CA GLU B 44 -12.53 -8.49 4.88
C GLU B 44 -11.05 -8.68 4.70
N GLY B 45 -10.66 -9.85 4.21
CA GLY B 45 -9.25 -10.23 4.11
C GLY B 45 -9.10 -11.65 3.61
N PRO B 46 -7.90 -12.24 3.73
CA PRO B 46 -7.63 -13.62 3.32
C PRO B 46 -8.62 -14.62 3.89
N SER B 47 -8.96 -14.48 5.16
CA SER B 47 -10.07 -15.27 5.68
C SER B 47 -10.97 -14.48 6.62
N LYS B 48 -12.12 -15.06 6.90
CA LYS B 48 -13.08 -14.51 7.83
C LYS B 48 -12.48 -14.48 9.22
N VAL B 49 -12.86 -13.45 9.95
CA VAL B 49 -12.26 -13.15 11.23
C VAL B 49 -13.27 -13.17 12.39
N ASP B 50 -13.00 -13.91 13.45
CA ASP B 50 -13.90 -13.93 14.62
C ASP B 50 -13.88 -12.55 15.28
N ILE B 51 -15.06 -12.04 15.67
CA ILE B 51 -15.13 -10.69 16.22
C ILE B 51 -15.94 -10.65 17.49
N ASN B 52 -15.45 -9.88 18.45
CA ASN B 52 -16.13 -9.69 19.71
C ASN B 52 -16.25 -8.21 19.95
N THR B 53 -17.32 -7.78 20.60
CA THR B 53 -17.52 -6.39 20.99
C THR B 53 -17.93 -6.38 22.45
N GLU B 54 -17.57 -5.30 23.16
CA GLU B 54 -17.94 -5.09 24.55
C GLU B 54 -18.32 -3.63 24.78
N ASP B 55 -19.58 -3.38 25.14
CA ASP B 55 -20.01 -2.06 25.58
C ASP B 55 -19.29 -1.67 26.88
N LEU B 56 -18.36 -0.74 26.79
CA LEU B 56 -17.70 -0.24 27.98
C LEU B 56 -18.55 0.76 28.79
N GLU B 57 -18.12 0.99 30.03
CA GLU B 57 -18.79 1.90 30.97
C GLU B 57 -19.05 3.30 30.42
N ASP B 58 -18.06 3.84 29.69
CA ASP B 58 -18.08 5.22 29.20
C ASP B 58 -18.82 5.39 27.88
N GLY B 59 -19.62 4.39 27.50
CA GLY B 59 -20.49 4.51 26.33
C GLY B 59 -19.73 4.13 25.08
N THR B 60 -18.60 3.50 25.29
CA THR B 60 -17.71 3.11 24.22
C THR B 60 -17.90 1.64 23.98
N CYS B 61 -17.46 1.17 22.82
CA CYS B 61 -17.56 -0.23 22.49
C CYS B 61 -16.19 -0.76 22.11
N ARG B 62 -15.69 -1.77 22.81
CA ARG B 62 -14.41 -2.37 22.41
C ARG B 62 -14.62 -3.52 21.45
N VAL B 63 -13.91 -3.46 20.34
CA VAL B 63 -13.96 -4.51 19.33
C VAL B 63 -12.67 -5.31 19.34
N THR B 64 -12.80 -6.63 19.39
CA THR B 64 -11.69 -7.56 19.43
C THR B 64 -11.88 -8.53 18.30
N TYR B 65 -10.88 -8.63 17.42
CA TYR B 65 -10.91 -9.63 16.37
C TYR B 65 -9.64 -10.46 16.32
N CYS B 66 -9.75 -11.66 15.76
CA CYS B 66 -8.68 -12.63 15.78
C CYS B 66 -8.43 -13.15 14.37
N PRO B 67 -7.40 -12.63 13.69
CA PRO B 67 -7.12 -13.07 12.33
C PRO B 67 -6.31 -14.36 12.35
N THR B 68 -6.65 -15.31 11.48
CA THR B 68 -5.96 -16.59 11.46
C THR B 68 -4.97 -16.72 10.33
N GLU B 69 -4.93 -15.75 9.41
CA GLU B 69 -4.07 -15.79 8.26
C GLU B 69 -3.44 -14.41 8.09
N PRO B 70 -2.14 -14.37 7.78
CA PRO B 70 -1.51 -13.08 7.60
C PRO B 70 -1.95 -12.36 6.31
N GLY B 71 -1.64 -11.07 6.27
CA GLY B 71 -1.78 -10.29 5.05
C GLY B 71 -2.59 -9.01 5.26
N ASN B 72 -3.17 -8.53 4.16
CA ASN B 72 -3.86 -7.25 4.16
C ASN B 72 -5.35 -7.37 4.37
N TYR B 73 -5.81 -6.77 5.44
CA TYR B 73 -7.23 -6.71 5.73
C TYR B 73 -7.70 -5.28 5.66
N ILE B 74 -9.02 -5.14 5.59
CA ILE B 74 -9.69 -3.85 5.78
C ILE B 74 -10.88 -4.01 6.73
N ILE B 75 -10.99 -3.03 7.62
CA ILE B 75 -12.12 -2.95 8.51
C ILE B 75 -13.04 -1.83 8.02
N ASN B 76 -14.24 -2.24 7.62
CA ASN B 76 -15.36 -1.35 7.30
C ASN B 76 -16.14 -1.01 8.53
N ILE B 77 -16.23 0.29 8.80
CA ILE B 77 -17.07 0.76 9.89
C ILE B 77 -18.06 1.79 9.41
N LYS B 78 -19.33 1.42 9.43
CA LYS B 78 -20.41 2.30 9.01
C LYS B 78 -21.32 2.62 10.16
N PHE B 79 -21.80 3.86 10.16
CA PHE B 79 -22.79 4.32 11.11
C PHE B 79 -23.95 4.83 10.29
N ALA B 80 -25.15 4.35 10.55
CA ALA B 80 -26.31 4.71 9.72
C ALA B 80 -26.06 4.49 8.21
N ASP B 81 -25.43 3.35 7.90
CA ASP B 81 -25.07 2.92 6.54
C ASP B 81 -24.07 3.85 5.80
N GLN B 82 -23.27 4.56 6.57
CA GLN B 82 -22.32 5.51 6.05
C GLN B 82 -20.97 5.25 6.70
N HIS B 83 -19.95 5.03 5.87
CA HIS B 83 -18.60 4.84 6.35
C HIS B 83 -18.18 6.00 7.25
N VAL B 84 -17.64 5.70 8.41
CA VAL B 84 -17.12 6.74 9.30
C VAL B 84 -15.75 7.27 8.83
N PRO B 85 -15.32 8.47 9.29
CA PRO B 85 -13.96 8.96 8.94
C PRO B 85 -12.87 7.90 9.15
N GLY B 86 -11.98 7.74 8.19
CA GLY B 86 -10.93 6.75 8.27
C GLY B 86 -11.36 5.41 7.71
N SER B 87 -12.65 5.20 7.54
CA SER B 87 -13.07 3.86 7.10
C SER B 87 -13.12 3.82 5.59
N PRO B 88 -12.64 2.71 4.98
CA PRO B 88 -12.17 1.52 5.69
C PRO B 88 -10.72 1.63 6.14
N PHE B 89 -10.41 1.00 7.27
CA PHE B 89 -9.07 0.98 7.79
C PHE B 89 -8.27 -0.20 7.24
N SER B 90 -7.03 0.09 6.81
CA SER B 90 -6.13 -0.93 6.30
C SER B 90 -5.39 -1.59 7.45
N VAL B 91 -5.43 -2.91 7.49
CA VAL B 91 -4.68 -3.61 8.50
C VAL B 91 -3.72 -4.57 7.86
N LYS B 92 -2.46 -4.47 8.26
CA LYS B 92 -1.45 -5.45 7.88
C LYS B 92 -1.34 -6.47 9.02
N VAL B 93 -1.62 -7.74 8.72
CA VAL B 93 -1.47 -8.78 9.75
C VAL B 93 -0.26 -9.66 9.50
N THR B 94 0.59 -9.78 10.48
CA THR B 94 1.72 -10.68 10.34
C THR B 94 1.34 -12.05 10.87
N GLY B 95 2.17 -13.05 10.54
CA GLY B 95 2.06 -14.41 11.06
C GLY B 95 2.42 -15.42 10.00
N GLU B 96 2.32 -16.70 10.34
CA GLU B 96 2.58 -17.74 9.35
C GLU B 96 1.43 -17.88 8.37
N GLY B 97 1.76 -17.86 7.08
CA GLY B 97 0.83 -18.24 6.02
C GLY B 97 0.20 -19.58 6.31
N ARG B 98 -1.01 -19.84 5.81
CA ARG B 98 -1.67 -21.08 6.19
C ARG B 98 -1.06 -22.34 5.57
N VAL B 99 -0.39 -22.18 4.43
CA VAL B 99 0.25 -23.29 3.77
C VAL B 99 1.73 -23.00 3.52
N LYS B 100 2.60 -23.92 3.91
CA LYS B 100 4.02 -23.75 3.64
C LYS B 100 4.49 -24.92 2.81
N GLU B 101 4.96 -24.58 1.62
CA GLU B 101 5.37 -25.59 0.69
C GLU B 101 6.85 -25.37 0.54
N SER B 102 7.62 -26.42 0.79
CA SER B 102 9.06 -26.37 0.73
C SER B 102 9.64 -27.58 0.04
N ILE B 103 10.78 -27.33 -0.60
CA ILE B 103 11.63 -28.36 -1.10
C ILE B 103 13.01 -28.06 -0.56
N THR B 104 13.68 -29.07 -0.03
CA THR B 104 14.98 -28.79 0.54
C THR B 104 16.02 -29.80 0.13
N ARG B 105 17.06 -29.27 -0.48
CA ARG B 105 18.11 -30.03 -1.14
C ARG B 105 19.35 -30.03 -0.24
N ARG B 106 19.83 -31.24 0.06
CA ARG B 106 20.94 -31.47 0.96
C ARG B 106 21.98 -32.35 0.26
N ARG B 107 23.26 -32.02 0.45
CA ARG B 107 24.36 -32.92 0.15
C ARG B 107 25.08 -33.14 1.48
N ARG B 108 25.15 -34.41 1.91
CA ARG B 108 25.79 -34.82 3.15
C ARG B 108 27.01 -35.67 2.82
N ALA B 109 28.11 -35.44 3.52
CA ALA B 109 29.30 -36.31 3.45
C ALA B 109 29.77 -36.65 4.88
N PRO B 110 29.28 -37.77 5.43
CA PRO B 110 29.33 -37.99 6.87
C PRO B 110 30.73 -38.33 7.39
N SER B 111 31.63 -38.73 6.49
CA SER B 111 32.97 -39.04 6.93
C SER B 111 34.06 -38.39 6.09
N VAL B 112 35.31 -38.61 6.56
CA VAL B 112 36.50 -38.14 5.88
C VAL B 112 37.51 -39.27 5.90
N ALA B 113 37.72 -39.92 4.75
CA ALA B 113 38.72 -40.98 4.66
C ALA B 113 39.94 -40.48 3.92
N ASN B 114 41.12 -40.94 4.35
CA ASN B 114 42.38 -40.48 3.77
C ASN B 114 42.72 -41.20 2.44
N VAL B 115 41.70 -41.44 1.62
CA VAL B 115 41.86 -42.08 0.30
C VAL B 115 40.87 -41.46 -0.71
N GLY B 116 41.01 -41.80 -2.00
CA GLY B 116 40.09 -41.32 -3.05
C GLY B 116 40.75 -41.00 -4.38
N HIS B 118 38.40 -39.30 -6.27
CA HIS B 118 37.05 -38.78 -6.42
C HIS B 118 37.06 -37.31 -6.88
N CYS B 119 36.22 -37.01 -7.87
CA CYS B 119 36.21 -35.68 -8.49
C CYS B 119 35.11 -34.74 -7.98
N ASP B 120 35.28 -34.26 -6.76
CA ASP B 120 34.34 -33.31 -6.18
C ASP B 120 34.83 -31.87 -6.41
N ILE B 159 39.65 -31.97 -10.47
CA ILE B 159 40.43 -31.35 -9.40
C ILE B 159 40.58 -32.30 -8.22
N ARG B 160 41.80 -32.41 -7.71
CA ARG B 160 42.12 -33.31 -6.59
C ARG B 160 42.66 -32.61 -5.34
N PHE B 161 41.92 -32.76 -4.24
CA PHE B 161 42.43 -32.46 -2.89
C PHE B 161 41.74 -33.32 -1.82
N VAL B 162 42.55 -34.04 -1.05
CA VAL B 162 42.03 -34.88 0.02
C VAL B 162 41.90 -34.13 1.35
N PRO B 163 40.66 -34.11 1.91
CA PRO B 163 40.44 -33.51 3.23
C PRO B 163 40.70 -34.50 4.38
N ALA B 164 41.18 -33.97 5.51
CA ALA B 164 41.28 -34.72 6.77
C ALA B 164 40.48 -34.06 7.92
N GLU B 165 40.00 -32.83 7.72
CA GLU B 165 39.36 -32.06 8.80
C GLU B 165 37.87 -31.78 8.57
N MET B 166 37.06 -32.09 9.59
CA MET B 166 35.62 -31.85 9.54
C MET B 166 35.35 -30.36 9.65
N GLY B 167 34.64 -29.82 8.67
CA GLY B 167 34.28 -28.40 8.69
C GLY B 167 34.13 -27.80 7.31
N THR B 168 34.31 -26.49 7.24
CA THR B 168 34.05 -25.73 6.02
C THR B 168 35.34 -25.14 5.48
N HIS B 169 35.49 -25.17 4.15
CA HIS B 169 36.72 -24.73 3.47
C HIS B 169 36.39 -23.83 2.26
N THR B 170 37.41 -23.17 1.71
CA THR B 170 37.27 -22.36 0.47
C THR B 170 38.28 -22.90 -0.63
N VAL B 171 37.91 -22.22 -1.90
CA VAL B 171 38.74 -22.66 -3.06
C VAL B 171 39.24 -21.49 -3.96
N PHE B 187 33.34 -25.20 0.24
CA PHE B 187 33.47 -26.65 0.30
C PHE B 187 33.54 -27.17 1.74
N THR B 188 32.73 -28.17 2.03
CA THR B 188 32.39 -28.53 3.41
C THR B 188 32.26 -30.05 3.61
N VAL B 189 32.89 -30.57 4.68
CA VAL B 189 32.64 -31.95 5.12
C VAL B 189 32.23 -32.04 6.59
N GLY B 190 31.32 -32.97 6.90
CA GLY B 190 31.03 -33.32 8.30
C GLY B 190 29.60 -33.31 8.81
N PRO B 191 29.43 -33.30 10.16
CA PRO B 191 28.13 -33.41 10.84
C PRO B 191 27.19 -32.24 10.56
N GLY B 195 26.19 -21.56 7.90
CA GLY B 195 27.05 -20.53 7.32
C GLY B 195 27.24 -20.64 5.82
N GLY B 196 27.26 -19.48 5.17
CA GLY B 196 27.50 -19.39 3.74
C GLY B 196 26.36 -18.69 3.04
N ALA B 197 25.24 -18.53 3.75
CA ALA B 197 24.05 -17.94 3.15
C ALA B 197 24.34 -16.62 2.44
N HIS B 198 25.19 -15.79 3.05
CA HIS B 198 25.46 -14.43 2.55
C HIS B 198 26.04 -14.43 1.14
N LYS B 199 26.73 -15.51 0.76
CA LYS B 199 27.41 -15.58 -0.54
C LYS B 199 26.53 -16.29 -1.59
N VAL B 200 25.28 -16.55 -1.23
CA VAL B 200 24.34 -17.26 -2.10
C VAL B 200 23.54 -16.28 -2.94
N ARG B 201 23.47 -16.55 -4.24
CA ARG B 201 22.80 -15.62 -5.15
C ARG B 201 21.54 -16.22 -5.75
N ALA B 202 20.57 -15.36 -6.06
CA ALA B 202 19.27 -15.78 -6.58
C ALA B 202 18.65 -14.71 -7.48
N GLY B 203 17.95 -15.14 -8.53
CA GLY B 203 17.36 -14.23 -9.51
C GLY B 203 16.37 -14.87 -10.46
N GLY B 204 15.34 -14.10 -10.81
CA GLY B 204 14.21 -14.60 -11.61
C GLY B 204 12.89 -13.96 -11.21
N PRO B 205 11.91 -13.95 -12.15
CA PRO B 205 10.64 -13.25 -11.97
C PRO B 205 9.84 -13.82 -10.81
N GLY B 206 10.03 -15.11 -10.54
CA GLY B 206 9.31 -15.79 -9.48
C GLY B 206 9.67 -15.28 -8.11
N LEU B 207 10.61 -14.32 -8.08
CA LEU B 207 11.04 -13.71 -6.82
C LEU B 207 10.41 -12.35 -6.52
N GLU B 208 9.72 -11.77 -7.49
CA GLU B 208 9.03 -10.51 -7.22
C GLU B 208 7.52 -10.55 -7.49
N ARG B 209 7.09 -11.51 -8.31
CA ARG B 209 5.67 -11.68 -8.66
C ARG B 209 5.36 -13.01 -9.34
N ALA B 210 4.06 -13.35 -9.33
CA ALA B 210 3.56 -14.58 -9.92
C ALA B 210 2.10 -14.44 -10.28
N GLU B 211 1.63 -15.38 -11.11
CA GLU B 211 0.25 -15.46 -11.49
C GLU B 211 -0.25 -16.80 -11.00
N ALA B 212 -1.45 -16.80 -10.41
CA ALA B 212 -2.08 -18.04 -9.99
C ALA B 212 -2.13 -18.99 -11.16
N GLY B 213 -1.69 -20.22 -10.93
CA GLY B 213 -1.71 -21.27 -11.93
C GLY B 213 -0.63 -21.20 -13.00
N VAL B 214 0.21 -20.17 -12.94
CA VAL B 214 1.26 -20.01 -13.94
C VAL B 214 2.64 -20.15 -13.27
N PRO B 215 3.49 -21.07 -13.80
CA PRO B 215 4.83 -21.33 -13.26
C PRO B 215 5.64 -20.06 -13.09
N ALA B 216 6.35 -19.97 -11.98
CA ALA B 216 7.18 -18.81 -11.74
C ALA B 216 8.57 -19.30 -11.37
N GLU B 217 9.55 -18.90 -12.17
CA GLU B 217 10.89 -19.45 -12.08
C GLU B 217 11.89 -18.52 -11.40
N PHE B 218 12.94 -19.12 -10.84
CA PHE B 218 14.10 -18.38 -10.42
C PHE B 218 15.25 -19.34 -10.30
N SER B 219 16.45 -18.82 -10.10
CA SER B 219 17.64 -19.65 -10.06
C SER B 219 18.38 -19.35 -8.78
N ILE B 220 19.16 -20.32 -8.31
CA ILE B 220 19.96 -20.09 -7.12
C ILE B 220 21.35 -20.61 -7.36
N TRP B 221 22.32 -19.78 -7.04
CA TRP B 221 23.73 -20.16 -7.09
C TRP B 221 24.23 -20.14 -5.65
N THR B 222 24.57 -21.31 -5.13
CA THR B 222 25.02 -21.40 -3.75
C THR B 222 26.54 -21.44 -3.74
N ARG B 223 27.12 -21.79 -4.89
CA ARG B 223 28.57 -21.98 -5.03
C ARG B 223 29.16 -22.98 -4.03
N GLU B 224 28.36 -23.97 -3.65
CA GLU B 224 28.80 -25.01 -2.74
C GLU B 224 28.90 -26.32 -3.52
N ALA B 225 30.14 -26.79 -3.70
CA ALA B 225 30.36 -28.05 -4.41
C ALA B 225 30.36 -29.25 -3.46
N GLY B 226 30.45 -29.00 -2.16
CA GLY B 226 30.43 -30.06 -1.14
C GLY B 226 29.15 -30.09 -0.33
N ALA B 227 29.28 -30.47 0.94
CA ALA B 227 28.13 -30.58 1.83
C ALA B 227 27.43 -29.25 2.05
N GLY B 228 26.09 -29.28 2.01
CA GLY B 228 25.27 -28.07 2.22
C GLY B 228 23.78 -28.38 2.15
N GLY B 229 22.96 -27.45 2.66
CA GLY B 229 21.52 -27.59 2.63
C GLY B 229 20.88 -26.30 2.20
N LEU B 230 19.98 -26.39 1.22
CA LEU B 230 19.32 -25.26 0.62
C LEU B 230 17.84 -25.51 0.67
N ALA B 231 17.09 -24.62 1.32
CA ALA B 231 15.66 -24.83 1.51
C ALA B 231 14.89 -23.71 0.83
N ILE B 232 14.07 -24.09 -0.13
CA ILE B 232 13.18 -23.16 -0.79
C ILE B 232 11.76 -23.38 -0.26
N ALA B 233 11.09 -22.31 0.17
CA ALA B 233 9.73 -22.38 0.71
C ALA B 233 8.82 -21.32 0.13
N VAL B 234 7.57 -21.71 -0.14
CA VAL B 234 6.55 -20.77 -0.55
C VAL B 234 5.47 -20.90 0.51
N GLU B 235 5.24 -19.78 1.19
CA GLU B 235 4.29 -19.66 2.28
C GLU B 235 3.22 -18.63 1.88
N GLY B 236 1.95 -19.03 1.99
CA GLY B 236 0.85 -18.15 1.63
C GLY B 236 -0.47 -18.86 1.67
N PRO B 237 -1.52 -18.22 1.18
CA PRO B 237 -2.89 -18.66 1.39
C PRO B 237 -3.27 -19.99 0.76
N SER B 238 -2.47 -20.52 -0.16
CA SER B 238 -2.84 -21.83 -0.75
C SER B 238 -1.68 -22.74 -1.12
N LYS B 239 -2.02 -23.96 -1.58
CA LYS B 239 -1.01 -24.96 -1.97
C LYS B 239 -0.16 -24.48 -3.12
N ALA B 240 1.05 -25.04 -3.22
CA ALA B 240 1.93 -24.78 -4.35
C ALA B 240 2.47 -26.08 -4.89
N GLU B 241 2.62 -26.12 -6.20
CA GLU B 241 3.32 -27.18 -6.88
C GLU B 241 4.68 -26.58 -7.09
N ILE B 242 5.72 -27.32 -6.79
CA ILE B 242 7.03 -26.78 -7.14
C ILE B 242 7.96 -27.81 -7.73
N SER B 243 8.85 -27.33 -8.58
CA SER B 243 9.85 -28.19 -9.15
C SER B 243 11.22 -27.57 -8.97
N PHE B 244 12.22 -28.44 -8.96
CA PHE B 244 13.57 -28.07 -8.61
C PHE B 244 14.49 -28.82 -9.56
N GLU B 245 15.43 -28.11 -10.16
CA GLU B 245 16.46 -28.83 -10.89
C GLU B 245 17.89 -28.36 -10.64
N ASP B 246 18.75 -29.32 -10.26
CA ASP B 246 20.21 -29.15 -10.23
C ASP B 246 20.69 -29.09 -11.66
N ARG B 247 21.44 -28.04 -11.97
CA ARG B 247 21.91 -27.84 -13.33
C ARG B 247 23.39 -28.08 -13.44
N LYS B 248 23.81 -28.42 -14.66
CA LYS B 248 25.19 -28.76 -14.99
C LYS B 248 26.18 -27.77 -14.38
N ASP B 249 25.87 -26.47 -14.49
CA ASP B 249 26.79 -25.43 -14.06
C ASP B 249 26.87 -25.23 -12.54
N GLY B 250 26.08 -25.98 -11.79
CA GLY B 250 26.07 -25.90 -10.34
C GLY B 250 25.01 -24.97 -9.79
N SER B 251 24.23 -24.32 -10.67
CA SER B 251 23.08 -23.54 -10.21
C SER B 251 21.86 -24.41 -9.87
N CYS B 252 20.83 -23.78 -9.31
CA CYS B 252 19.58 -24.45 -9.02
C CYS B 252 18.47 -23.70 -9.69
N GLY B 253 17.62 -24.44 -10.39
CA GLY B 253 16.40 -23.89 -10.97
C GLY B 253 15.24 -24.27 -10.07
N VAL B 254 14.45 -23.27 -9.68
CA VAL B 254 13.24 -23.50 -8.95
C VAL B 254 12.06 -22.93 -9.74
N ALA B 255 10.96 -23.65 -9.77
CA ALA B 255 9.73 -23.15 -10.36
C ALA B 255 8.63 -23.47 -9.38
N TYR B 256 7.64 -22.57 -9.26
CA TYR B 256 6.47 -22.87 -8.47
C TYR B 256 5.21 -22.34 -9.11
N VAL B 257 4.15 -23.12 -8.95
CA VAL B 257 2.83 -22.74 -9.37
C VAL B 257 2.02 -22.72 -8.08
N VAL B 258 1.34 -21.60 -7.88
CA VAL B 258 0.52 -21.41 -6.72
C VAL B 258 -0.95 -21.40 -7.18
N GLN B 259 -1.82 -21.94 -6.34
CA GLN B 259 -3.20 -22.17 -6.72
C GLN B 259 -4.05 -20.89 -6.75
N GLU B 260 -3.89 -20.03 -5.73
CA GLU B 260 -4.76 -18.87 -5.52
C GLU B 260 -4.02 -17.54 -5.54
N PRO B 261 -4.70 -16.44 -5.92
CA PRO B 261 -4.08 -15.13 -5.83
C PRO B 261 -3.85 -14.75 -4.37
N GLY B 262 -2.96 -13.81 -4.10
CA GLY B 262 -2.72 -13.39 -2.74
C GLY B 262 -1.29 -13.01 -2.47
N ASP B 263 -1.02 -12.71 -1.21
CA ASP B 263 0.33 -12.33 -0.80
C ASP B 263 1.10 -13.55 -0.29
N TYR B 264 2.20 -13.87 -0.96
CA TYR B 264 3.03 -15.03 -0.61
C TYR B 264 4.43 -14.62 -0.20
N GLU B 265 5.16 -15.54 0.41
CA GLU B 265 6.57 -15.34 0.68
C GLU B 265 7.33 -16.51 0.11
N VAL B 266 8.36 -16.17 -0.66
CA VAL B 266 9.32 -17.13 -1.12
C VAL B 266 10.58 -16.93 -0.33
N SER B 267 11.01 -17.99 0.34
CA SER B 267 12.22 -17.91 1.13
C SER B 267 13.25 -18.89 0.60
N VAL B 268 14.49 -18.44 0.61
CA VAL B 268 15.60 -19.29 0.29
C VAL B 268 16.54 -19.22 1.48
N LYS B 269 16.75 -20.36 2.12
CA LYS B 269 17.64 -20.49 3.25
C LYS B 269 18.77 -21.43 2.89
N PHE B 270 19.97 -21.00 3.18
CA PHE B 270 21.12 -21.83 2.97
C PHE B 270 21.66 -22.15 4.34
N ASN B 271 21.84 -23.44 4.60
CA ASN B 271 22.23 -23.92 5.92
C ASN B 271 21.50 -23.14 7.01
N GLU B 272 20.19 -23.12 6.91
CA GLU B 272 19.32 -22.59 7.96
C GLU B 272 19.25 -21.07 8.04
N GLU B 273 20.03 -20.34 7.23
CA GLU B 273 19.99 -18.86 7.26
C GLU B 273 19.40 -18.30 5.97
N HIS B 274 18.68 -17.19 6.08
CA HIS B 274 18.20 -16.48 4.90
C HIS B 274 19.32 -15.94 4.05
N ILE B 275 19.23 -16.21 2.75
CA ILE B 275 20.08 -15.53 1.77
C ILE B 275 19.72 -14.03 1.73
N PRO B 276 20.57 -13.19 1.10
CA PRO B 276 20.46 -11.74 1.36
C PRO B 276 19.09 -11.04 1.20
N ASP B 277 18.18 -11.54 0.37
CA ASP B 277 16.89 -10.81 0.23
C ASP B 277 15.69 -11.65 0.69
N SER B 278 15.99 -12.82 1.25
CA SER B 278 14.96 -13.72 1.72
C SER B 278 14.43 -13.29 3.09
N PRO B 279 13.12 -13.41 3.29
CA PRO B 279 12.15 -13.92 2.31
C PRO B 279 11.69 -12.84 1.33
N PHE B 280 11.32 -13.26 0.13
CA PHE B 280 10.91 -12.30 -0.88
C PHE B 280 9.41 -12.23 -0.87
N VAL B 281 8.87 -11.02 -0.80
CA VAL B 281 7.46 -10.75 -0.82
C VAL B 281 7.00 -10.90 -2.26
N VAL B 282 6.09 -11.84 -2.50
CA VAL B 282 5.64 -12.12 -3.86
C VAL B 282 4.14 -11.97 -3.95
N PRO B 283 3.66 -10.85 -4.54
CA PRO B 283 2.22 -10.75 -4.82
C PRO B 283 1.87 -11.72 -5.93
N VAL B 284 0.75 -12.40 -5.78
CA VAL B 284 0.30 -13.30 -6.82
C VAL B 284 -1.03 -12.81 -7.35
N ALA B 285 -1.08 -12.57 -8.65
CA ALA B 285 -2.28 -12.07 -9.30
C ALA B 285 -3.15 -13.23 -9.80
N SER B 286 -4.45 -12.98 -9.94
CA SER B 286 -5.37 -13.98 -10.52
C SER B 286 -5.18 -14.17 -12.04
N PRO B 287 -5.65 -15.32 -12.57
CA PRO B 287 -5.75 -15.58 -14.03
C PRO B 287 -6.28 -14.39 -14.85
N SER B 288 -5.49 -13.62 -15.39
#